data_9DWR
#
_entry.id   9DWR
#
_cell.length_a   44.693
_cell.length_b   51.575
_cell.length_c   78.242
_cell.angle_alpha   90.00
_cell.angle_beta   93.85
_cell.angle_gamma   90.00
#
_symmetry.space_group_name_H-M   'P 1 21 1'
#
loop_
_entity.id
_entity.type
_entity.pdbx_description
1 polymer 'Cytochrome P450'
2 non-polymer 'PROTOPORPHYRIN IX CONTAINING FE'
3 non-polymer '4-METHOXYBENZOIC ACID'
4 non-polymer 'CHLORIDE ION'
5 water water
#
_entity_poly.entity_id   1
_entity_poly.type   'polypeptide(L)'
_entity_poly.pdbx_seq_one_letter_code
;MISNSSAESISAPPNDSTIPHLAIDPFSLDFFDDPYPDQQTLRDAGPVVYLDKWNVYGVARYAEVHAVLNDPTTFCSSRG
VGLSDFKKEKPWRPPSLILEADPPAHTRPRAVLSKVLSPATMKTIRDGFAAAADAKVDELLQRGCIDAIADLAEAYPLSV
FPDAMGLKQEGREHLLPYAGLVANAFGPPNELRQTAIERSAPHQAYVNEQCQRPNLAPGGFGACIHAFTDTGEITPDEAP
LLVRSLLSAGLQETVNGIGAAVYCLARFPGELQRLRSDPTLARNAFEEAVRFESPVQTFFRTTTREVELGGAVIGEGEKV
LMFLGSANRDPRRWSDPDLYDITRKTSGHVGFGSGVHMCVGQLVARLEGEVMLSALARKVAAIDIDGPVKRRFNNTLRGL
ESLPVKLTPA
;
_entity_poly.pdbx_strand_id   A
#
loop_
_chem_comp.id
_chem_comp.type
_chem_comp.name
_chem_comp.formula
ANN non-polymer '4-METHOXYBENZOIC ACID' 'C8 H8 O3'
CL non-polymer 'CHLORIDE ION' 'Cl -1'
HEM non-polymer 'PROTOPORPHYRIN IX CONTAINING FE' 'C34 H32 Fe N4 O4'
#
# COMPACT_ATOMS: atom_id res chain seq x y z
N THR A 18 -16.63 24.42 16.98
CA THR A 18 -15.34 24.11 17.60
C THR A 18 -14.42 23.40 16.63
N ILE A 19 -14.98 22.49 15.85
CA ILE A 19 -14.20 21.73 14.85
C ILE A 19 -14.21 22.51 13.54
N PRO A 20 -13.05 22.80 12.96
CA PRO A 20 -13.04 23.54 11.68
C PRO A 20 -13.61 22.68 10.56
N HIS A 21 -14.48 23.30 9.76
CA HIS A 21 -15.06 22.66 8.59
C HIS A 21 -14.32 23.13 7.35
N LEU A 22 -13.88 22.18 6.53
CA LEU A 22 -13.11 22.46 5.33
C LEU A 22 -13.81 21.90 4.11
N ALA A 23 -13.63 22.58 2.99
CA ALA A 23 -14.21 22.18 1.72
C ALA A 23 -13.24 21.39 0.84
N ILE A 24 -12.05 21.09 1.34
CA ILE A 24 -11.08 20.33 0.55
C ILE A 24 -11.63 18.95 0.26
N ASP A 25 -11.58 18.56 -1.01
CA ASP A 25 -11.91 17.20 -1.42
C ASP A 25 -10.61 16.40 -1.54
N PRO A 26 -10.28 15.55 -0.56
CA PRO A 26 -9.05 14.77 -0.66
C PRO A 26 -9.07 13.69 -1.73
N PHE A 27 -10.18 13.53 -2.45
CA PHE A 27 -10.29 12.52 -3.50
C PHE A 27 -10.47 13.15 -4.88
N SER A 28 -10.16 14.43 -5.01
CA SER A 28 -10.23 15.12 -6.29
C SER A 28 -8.91 14.98 -7.05
N LEU A 29 -8.99 14.99 -8.38
CA LEU A 29 -7.80 14.93 -9.21
C LEU A 29 -6.86 16.09 -8.90
N ASP A 30 -7.39 17.26 -8.55
N ASP A 30 -7.42 17.25 -8.57
CA ASP A 30 -6.51 18.36 -8.19
CA ASP A 30 -6.62 18.40 -8.15
C ASP A 30 -5.75 18.06 -6.90
C ASP A 30 -5.79 18.06 -6.92
N PHE A 31 -6.40 17.40 -5.94
CA PHE A 31 -5.70 17.00 -4.72
C PHE A 31 -4.63 15.96 -5.03
N PHE A 32 -4.97 14.96 -5.86
CA PHE A 32 -4.00 13.92 -6.21
C PHE A 32 -2.79 14.51 -6.91
N ASP A 33 -3.00 15.55 -7.73
CA ASP A 33 -1.91 16.10 -8.53
C ASP A 33 -0.81 16.69 -7.65
N ASP A 34 -1.19 17.33 -6.55
CA ASP A 34 -0.23 17.82 -5.57
C ASP A 34 -0.91 17.93 -4.21
N PRO A 35 -0.85 16.86 -3.40
CA PRO A 35 -1.63 16.84 -2.15
C PRO A 35 -0.98 17.56 -0.98
N TYR A 36 0.30 17.91 -1.07
CA TYR A 36 1.06 18.31 0.10
C TYR A 36 0.68 19.68 0.64
N PRO A 37 0.42 20.70 -0.19
CA PRO A 37 -0.10 21.96 0.38
C PRO A 37 -1.42 21.78 1.10
N ASP A 38 -2.35 21.02 0.53
CA ASP A 38 -3.64 20.80 1.20
C ASP A 38 -3.48 19.96 2.47
N GLN A 39 -2.49 19.07 2.50
CA GLN A 39 -2.28 18.25 3.69
C GLN A 39 -1.79 19.10 4.86
N GLN A 40 -0.96 20.11 4.59
CA GLN A 40 -0.59 21.04 5.65
C GLN A 40 -1.80 21.83 6.13
N THR A 41 -2.66 22.26 5.21
CA THR A 41 -3.86 22.97 5.61
C THR A 41 -4.74 22.11 6.50
N LEU A 42 -4.87 20.81 6.17
CA LEU A 42 -5.63 19.90 7.02
C LEU A 42 -4.96 19.72 8.37
N ARG A 43 -3.63 19.61 8.40
CA ARG A 43 -2.90 19.46 9.66
C ARG A 43 -3.03 20.72 10.52
N ASP A 44 -2.79 21.88 9.93
CA ASP A 44 -2.72 23.12 10.69
C ASP A 44 -4.09 23.68 11.05
N ALA A 45 -5.16 23.19 10.45
CA ALA A 45 -6.50 23.63 10.84
C ALA A 45 -6.85 23.19 12.26
N GLY A 46 -6.33 22.03 12.68
CA GLY A 46 -6.62 21.51 13.99
C GLY A 46 -6.38 20.01 14.04
N PRO A 47 -6.36 19.44 15.24
CA PRO A 47 -6.13 17.98 15.35
C PRO A 47 -7.22 17.17 14.69
N VAL A 48 -8.46 17.65 14.69
CA VAL A 48 -9.59 16.97 14.03
C VAL A 48 -10.33 18.00 13.21
N VAL A 49 -10.61 17.66 11.94
CA VAL A 49 -11.35 18.51 11.04
C VAL A 49 -12.60 17.77 10.58
N TYR A 50 -13.52 18.52 9.99
CA TYR A 50 -14.71 17.96 9.35
C TYR A 50 -14.67 18.33 7.87
N LEU A 51 -14.83 17.32 7.02
CA LEU A 51 -14.79 17.50 5.57
C LEU A 51 -16.22 17.57 5.06
N ASP A 52 -16.70 18.79 4.80
CA ASP A 52 -18.08 19.00 4.38
C ASP A 52 -18.42 18.32 3.05
N LYS A 53 -17.41 18.07 2.22
CA LYS A 53 -17.68 17.48 0.91
C LYS A 53 -18.26 16.07 1.04
N TRP A 54 -17.77 15.31 2.02
CA TRP A 54 -18.19 13.92 2.18
C TRP A 54 -18.79 13.61 3.55
N ASN A 55 -18.93 14.61 4.42
CA ASN A 55 -19.53 14.43 5.74
C ASN A 55 -18.79 13.39 6.57
N VAL A 56 -17.48 13.58 6.70
CA VAL A 56 -16.64 12.70 7.51
C VAL A 56 -15.68 13.55 8.34
N TYR A 57 -15.23 12.97 9.44
CA TYR A 57 -14.17 13.58 10.21
C TYR A 57 -12.81 13.23 9.61
N GLY A 58 -11.84 14.11 9.81
CA GLY A 58 -10.51 13.85 9.30
C GLY A 58 -9.42 14.14 10.31
N VAL A 59 -8.39 13.30 10.33
CA VAL A 59 -7.20 13.52 11.15
C VAL A 59 -5.98 13.41 10.22
N ALA A 60 -5.15 14.46 10.21
CA ALA A 60 -4.00 14.51 9.32
C ALA A 60 -2.66 14.59 10.03
N ARG A 61 -2.64 14.83 11.34
CA ARG A 61 -1.40 14.84 12.08
C ARG A 61 -1.00 13.42 12.49
N TYR A 62 0.29 13.23 12.75
CA TYR A 62 0.78 11.91 13.13
C TYR A 62 0.12 11.43 14.44
N ALA A 63 0.00 12.33 15.42
CA ALA A 63 -0.48 11.92 16.74
C ALA A 63 -1.87 11.31 16.68
N GLU A 64 -2.81 12.01 16.03
CA GLU A 64 -4.18 11.53 15.99
C GLU A 64 -4.32 10.31 15.08
N VAL A 65 -3.61 10.30 13.95
CA VAL A 65 -3.65 9.15 13.05
C VAL A 65 -3.16 7.91 13.78
N HIS A 66 -2.03 8.03 14.50
CA HIS A 66 -1.50 6.91 15.25
C HIS A 66 -2.45 6.47 16.36
N ALA A 67 -3.12 7.44 17.00
CA ALA A 67 -4.04 7.11 18.09
C ALA A 67 -5.25 6.35 17.56
N VAL A 68 -5.84 6.84 16.44
CA VAL A 68 -7.01 6.18 15.88
C VAL A 68 -6.67 4.77 15.41
N LEU A 69 -5.50 4.60 14.79
CA LEU A 69 -5.09 3.28 14.32
C LEU A 69 -4.96 2.28 15.46
N ASN A 70 -4.58 2.74 16.66
CA ASN A 70 -4.30 1.87 17.78
C ASN A 70 -5.47 1.77 18.75
N ASP A 71 -6.66 2.21 18.34
CA ASP A 71 -7.89 2.04 19.13
C ASP A 71 -8.94 1.40 18.24
N PRO A 72 -8.80 0.11 17.93
CA PRO A 72 -9.74 -0.54 17.01
C PRO A 72 -11.11 -0.79 17.61
N THR A 73 -11.23 -0.89 18.94
CA THR A 73 -12.53 -1.09 19.55
C THR A 73 -13.41 0.15 19.41
N THR A 74 -12.82 1.34 19.45
CA THR A 74 -13.56 2.57 19.22
C THR A 74 -13.67 2.90 17.73
N PHE A 75 -12.55 2.84 17.02
CA PHE A 75 -12.50 3.13 15.59
C PHE A 75 -12.40 1.79 14.86
N CYS A 76 -13.55 1.19 14.59
CA CYS A 76 -13.61 -0.17 14.09
C CYS A 76 -13.41 -0.21 12.58
N SER A 77 -13.21 -1.43 12.06
CA SER A 77 -13.05 -1.67 10.64
C SER A 77 -14.16 -2.51 10.03
N SER A 78 -14.98 -3.18 10.85
CA SER A 78 -16.00 -4.08 10.32
C SER A 78 -17.15 -3.36 9.62
N ARG A 79 -17.26 -2.05 9.78
CA ARG A 79 -18.24 -1.27 9.04
C ARG A 79 -17.63 -0.62 7.80
N GLY A 80 -16.48 -1.11 7.35
CA GLY A 80 -15.82 -0.61 6.16
C GLY A 80 -14.68 0.33 6.45
N VAL A 81 -13.56 0.16 5.76
CA VAL A 81 -12.43 1.08 5.84
C VAL A 81 -12.42 2.06 4.67
N GLY A 82 -13.50 2.10 3.90
CA GLY A 82 -13.74 3.16 2.94
C GLY A 82 -14.81 4.12 3.42
N LEU A 83 -15.26 4.97 2.50
CA LEU A 83 -16.30 5.93 2.86
C LEU A 83 -17.60 5.22 3.23
N SER A 84 -17.93 4.15 2.51
CA SER A 84 -19.21 3.49 2.70
C SER A 84 -19.29 2.84 4.07
N ASP A 85 -20.39 3.07 4.77
CA ASP A 85 -20.68 2.42 6.04
C ASP A 85 -21.45 1.14 5.76
N PHE A 86 -20.85 0.00 6.10
CA PHE A 86 -21.49 -1.29 5.82
C PHE A 86 -22.79 -1.47 6.58
N LYS A 87 -23.02 -0.71 7.66
CA LYS A 87 -24.31 -0.73 8.33
C LYS A 87 -25.38 0.01 7.56
N LYS A 88 -25.00 0.87 6.61
N LYS A 88 -24.99 0.87 6.62
CA LYS A 88 -25.94 1.64 5.82
CA LYS A 88 -25.93 1.65 5.81
C LYS A 88 -26.03 1.19 4.36
C LYS A 88 -26.04 1.17 4.37
N GLU A 89 -24.94 0.72 3.77
CA GLU A 89 -24.92 0.29 2.39
C GLU A 89 -24.33 -1.11 2.29
N LYS A 90 -24.63 -1.78 1.18
CA LYS A 90 -24.02 -3.06 0.90
C LYS A 90 -22.59 -2.86 0.44
N PRO A 91 -21.65 -3.72 0.85
CA PRO A 91 -20.31 -3.67 0.27
C PRO A 91 -20.35 -4.12 -1.17
N TRP A 92 -19.49 -3.50 -1.98
CA TRP A 92 -19.44 -3.84 -3.40
C TRP A 92 -18.97 -5.28 -3.64
N ARG A 93 -18.35 -5.89 -2.64
CA ARG A 93 -17.93 -7.28 -2.67
C ARG A 93 -18.04 -7.82 -1.25
N PRO A 94 -18.11 -9.15 -1.09
CA PRO A 94 -18.13 -9.72 0.27
C PRO A 94 -16.98 -9.19 1.10
N PRO A 95 -17.23 -8.82 2.36
CA PRO A 95 -16.20 -8.16 3.17
C PRO A 95 -14.97 -9.03 3.36
N SER A 96 -13.82 -8.38 3.39
CA SER A 96 -12.58 -9.07 3.70
C SER A 96 -12.63 -9.64 5.12
N LEU A 97 -12.16 -10.88 5.28
CA LEU A 97 -12.16 -11.52 6.58
C LEU A 97 -11.08 -10.98 7.51
N ILE A 98 -10.22 -10.08 7.03
CA ILE A 98 -9.14 -9.58 7.86
C ILE A 98 -9.13 -8.05 7.87
N LEU A 99 -9.14 -7.44 6.68
CA LEU A 99 -9.11 -5.97 6.61
C LEU A 99 -10.40 -5.37 7.15
N GLU A 100 -11.54 -5.94 6.79
CA GLU A 100 -12.85 -5.41 7.17
C GLU A 100 -13.49 -6.21 8.29
N ALA A 101 -12.66 -6.68 9.23
CA ALA A 101 -13.11 -7.39 10.40
C ALA A 101 -12.44 -6.79 11.64
N ASP A 102 -13.11 -6.94 12.77
CA ASP A 102 -12.61 -6.49 14.06
C ASP A 102 -12.25 -7.68 14.94
N PRO A 103 -11.35 -7.49 15.90
CA PRO A 103 -11.15 -8.53 16.92
C PRO A 103 -12.44 -8.77 17.69
N PRO A 104 -12.72 -10.03 18.07
CA PRO A 104 -11.86 -11.20 17.93
C PRO A 104 -11.98 -11.97 16.61
N ALA A 105 -12.98 -11.63 15.78
CA ALA A 105 -13.13 -12.35 14.51
C ALA A 105 -11.93 -12.13 13.60
N HIS A 106 -11.24 -11.00 13.76
CA HIS A 106 -10.06 -10.70 12.95
C HIS A 106 -8.86 -11.53 13.38
N THR A 107 -8.82 -11.96 14.65
CA THR A 107 -7.58 -12.43 15.26
C THR A 107 -7.03 -13.68 14.56
N ARG A 108 -7.84 -14.72 14.46
CA ARG A 108 -7.31 -16.00 13.98
C ARG A 108 -7.05 -16.01 12.48
N PRO A 109 -7.90 -15.42 11.63
CA PRO A 109 -7.51 -15.28 10.21
C PRO A 109 -6.25 -14.44 10.04
N ARG A 110 -6.03 -13.46 10.91
CA ARG A 110 -4.81 -12.68 10.85
C ARG A 110 -3.59 -13.53 11.20
N ALA A 111 -3.72 -14.44 12.18
CA ALA A 111 -2.61 -15.30 12.55
C ALA A 111 -2.24 -16.24 11.40
N VAL A 112 -3.24 -16.71 10.64
CA VAL A 112 -2.97 -17.60 9.53
C VAL A 112 -2.17 -16.88 8.45
N LEU A 113 -2.63 -15.69 8.05
CA LEU A 113 -1.91 -14.92 7.04
C LEU A 113 -0.51 -14.52 7.54
N SER A 114 -0.37 -14.27 8.85
N SER A 114 -0.37 -14.26 8.84
CA SER A 114 0.94 -13.92 9.39
CA SER A 114 0.94 -13.93 9.39
C SER A 114 1.90 -15.09 9.29
C SER A 114 1.90 -15.11 9.26
N LYS A 115 1.42 -16.31 9.51
CA LYS A 115 2.27 -17.50 9.41
C LYS A 115 2.51 -17.90 7.97
N VAL A 116 1.56 -17.63 7.06
CA VAL A 116 1.79 -17.88 5.65
C VAL A 116 2.89 -16.96 5.11
N LEU A 117 2.86 -15.69 5.51
CA LEU A 117 3.88 -14.72 5.13
C LEU A 117 4.87 -14.51 6.28
N SER A 118 5.39 -15.61 6.81
CA SER A 118 6.18 -15.59 8.03
C SER A 118 7.64 -15.28 7.72
N PRO A 119 8.42 -14.96 8.76
CA PRO A 119 9.88 -14.86 8.57
C PRO A 119 10.50 -16.13 7.99
N ALA A 120 9.98 -17.31 8.32
CA ALA A 120 10.51 -18.53 7.72
C ALA A 120 10.21 -18.59 6.24
N THR A 121 9.02 -18.13 5.83
CA THR A 121 8.69 -18.08 4.42
C THR A 121 9.59 -17.11 3.68
N MET A 122 9.87 -15.96 4.29
CA MET A 122 10.79 -15.00 3.67
C MET A 122 12.17 -15.60 3.46
N LYS A 123 12.63 -16.41 4.42
CA LYS A 123 13.92 -17.08 4.27
C LYS A 123 13.90 -18.07 3.11
N THR A 124 12.74 -18.70 2.85
CA THR A 124 12.66 -19.66 1.76
C THR A 124 12.76 -19.00 0.39
N ILE A 125 12.24 -17.77 0.25
CA ILE A 125 12.10 -17.13 -1.05
C ILE A 125 13.11 -16.01 -1.27
N ARG A 126 13.92 -15.66 -0.27
CA ARG A 126 14.77 -14.48 -0.39
C ARG A 126 15.79 -14.63 -1.51
N ASP A 127 16.47 -15.78 -1.58
CA ASP A 127 17.50 -15.95 -2.60
C ASP A 127 16.92 -15.86 -4.00
N GLY A 128 15.71 -16.40 -4.20
CA GLY A 128 15.09 -16.30 -5.51
C GLY A 128 14.62 -14.89 -5.82
N PHE A 129 14.10 -14.18 -4.81
CA PHE A 129 13.69 -12.80 -5.02
C PHE A 129 14.88 -11.91 -5.36
N ALA A 130 16.03 -12.16 -4.73
CA ALA A 130 17.21 -11.36 -4.99
C ALA A 130 17.79 -11.65 -6.37
N ALA A 131 17.83 -12.93 -6.75
CA ALA A 131 18.34 -13.29 -8.08
C ALA A 131 17.50 -12.66 -9.18
N ALA A 132 16.17 -12.67 -9.02
CA ALA A 132 15.30 -12.06 -10.02
C ALA A 132 15.50 -10.55 -10.06
N ALA A 133 15.74 -9.93 -8.91
CA ALA A 133 16.00 -8.50 -8.87
C ALA A 133 17.32 -8.17 -9.59
N ASP A 134 18.36 -8.96 -9.34
CA ASP A 134 19.64 -8.73 -10.01
C ASP A 134 19.52 -8.95 -11.51
N ALA A 135 18.77 -9.96 -11.92
CA ALA A 135 18.62 -10.26 -13.35
C ALA A 135 17.85 -9.14 -14.06
N LYS A 136 16.84 -8.58 -13.40
CA LYS A 136 16.06 -7.51 -14.02
C LYS A 136 16.91 -6.27 -14.26
N VAL A 137 17.73 -5.89 -13.27
CA VAL A 137 18.58 -4.72 -13.43
C VAL A 137 19.61 -4.95 -14.53
N ASP A 138 20.20 -6.15 -14.58
CA ASP A 138 21.13 -6.47 -15.65
C ASP A 138 20.46 -6.36 -17.01
N GLU A 139 19.21 -6.84 -17.12
CA GLU A 139 18.49 -6.75 -18.39
C GLU A 139 18.22 -5.29 -18.76
N LEU A 140 17.80 -4.47 -17.79
CA LEU A 140 17.48 -3.08 -18.08
C LEU A 140 18.73 -2.28 -18.43
N LEU A 141 19.90 -2.65 -17.89
CA LEU A 141 21.13 -1.96 -18.24
C LEU A 141 21.54 -2.22 -19.69
N GLN A 142 21.10 -3.34 -20.27
CA GLN A 142 21.38 -3.58 -21.68
C GLN A 142 20.58 -2.65 -22.58
N ARG A 143 19.41 -2.21 -22.12
N ARG A 143 19.40 -2.21 -22.13
CA ARG A 143 18.59 -1.29 -22.90
CA ARG A 143 18.62 -1.27 -22.92
C ARG A 143 19.03 0.16 -22.68
C ARG A 143 19.06 0.17 -22.69
N GLY A 144 19.40 0.51 -21.45
CA GLY A 144 19.81 1.86 -21.13
C GLY A 144 18.64 2.77 -20.79
N CYS A 145 17.86 3.13 -21.80
CA CYS A 145 16.70 4.00 -21.61
C CYS A 145 15.46 3.13 -21.43
N ILE A 146 14.87 3.20 -20.24
CA ILE A 146 13.74 2.34 -19.86
C ILE A 146 12.67 3.21 -19.21
N ASP A 147 11.51 2.58 -18.97
CA ASP A 147 10.46 3.16 -18.16
C ASP A 147 10.55 2.52 -16.78
N ALA A 148 10.96 3.30 -15.78
CA ALA A 148 11.18 2.76 -14.45
C ALA A 148 9.92 2.22 -13.80
N ILE A 149 8.74 2.52 -14.36
CA ILE A 149 7.50 1.96 -13.82
C ILE A 149 7.22 0.63 -14.51
N ALA A 150 6.90 0.68 -15.80
CA ALA A 150 6.49 -0.54 -16.50
C ALA A 150 7.61 -1.56 -16.57
N ASP A 151 8.84 -1.11 -16.84
CA ASP A 151 9.96 -2.02 -17.06
C ASP A 151 10.68 -2.40 -15.77
N LEU A 152 10.39 -1.74 -14.66
CA LEU A 152 11.13 -1.98 -13.43
C LEU A 152 10.19 -2.10 -12.23
N ALA A 153 9.52 -1.00 -11.88
CA ALA A 153 8.67 -0.99 -10.69
C ALA A 153 7.51 -1.97 -10.83
N GLU A 154 6.96 -2.09 -12.03
CA GLU A 154 5.90 -3.07 -12.29
C GLU A 154 6.47 -4.44 -12.64
N ALA A 155 7.50 -4.48 -13.50
CA ALA A 155 7.95 -5.74 -14.07
C ALA A 155 8.54 -6.67 -13.01
N TYR A 156 9.26 -6.13 -12.02
CA TYR A 156 9.92 -7.01 -11.07
C TYR A 156 8.94 -7.68 -10.11
N PRO A 157 8.05 -6.95 -9.41
CA PRO A 157 7.07 -7.66 -8.55
C PRO A 157 6.21 -8.64 -9.32
N LEU A 158 5.87 -8.33 -10.57
CA LEU A 158 5.13 -9.27 -11.40
C LEU A 158 5.93 -10.52 -11.71
N SER A 159 7.25 -10.45 -11.60
CA SER A 159 8.11 -11.60 -11.90
C SER A 159 8.38 -12.48 -10.69
N VAL A 160 7.97 -12.06 -9.49
CA VAL A 160 8.27 -12.84 -8.28
C VAL A 160 7.00 -13.15 -7.49
N PHE A 161 6.09 -12.19 -7.39
CA PHE A 161 4.97 -12.38 -6.47
C PHE A 161 3.92 -13.35 -7.01
N PRO A 162 3.47 -13.24 -8.27
CA PRO A 162 2.52 -14.25 -8.76
C PRO A 162 3.06 -15.68 -8.71
N ASP A 163 4.37 -15.86 -8.88
CA ASP A 163 4.96 -17.18 -8.76
C ASP A 163 5.00 -17.64 -7.30
N ALA A 164 5.38 -16.75 -6.39
CA ALA A 164 5.36 -17.08 -4.97
C ALA A 164 3.94 -17.34 -4.49
N MET A 165 2.95 -16.69 -5.11
CA MET A 165 1.56 -16.93 -4.76
C MET A 165 1.11 -18.32 -5.19
N GLY A 166 1.75 -18.89 -6.21
CA GLY A 166 1.28 -20.12 -6.80
C GLY A 166 0.29 -19.94 -7.92
N LEU A 167 0.19 -18.73 -8.49
CA LEU A 167 -0.78 -18.46 -9.53
C LEU A 167 -0.34 -19.08 -10.85
N LYS A 168 -1.32 -19.49 -11.65
CA LYS A 168 -1.02 -19.94 -13.00
C LYS A 168 -0.59 -18.77 -13.86
N GLN A 169 -0.05 -19.08 -15.05
CA GLN A 169 0.49 -18.03 -15.90
C GLN A 169 -0.61 -17.24 -16.59
N GLU A 170 -1.69 -17.89 -17.01
CA GLU A 170 -2.75 -17.21 -17.74
C GLU A 170 -3.55 -16.31 -16.82
N GLY A 171 -3.92 -15.14 -17.32
CA GLY A 171 -4.81 -14.23 -16.61
C GLY A 171 -4.15 -13.29 -15.64
N ARG A 172 -2.81 -13.29 -15.55
CA ARG A 172 -2.12 -12.40 -14.63
C ARG A 172 -2.32 -10.93 -14.99
N GLU A 173 -2.74 -10.63 -16.22
CA GLU A 173 -3.02 -9.26 -16.62
C GLU A 173 -4.18 -8.64 -15.86
N HIS A 174 -4.91 -9.44 -15.07
CA HIS A 174 -6.01 -8.94 -14.25
C HIS A 174 -5.56 -8.51 -12.86
N LEU A 175 -4.32 -8.79 -12.47
CA LEU A 175 -3.89 -8.58 -11.08
C LEU A 175 -3.83 -7.09 -10.75
N LEU A 176 -3.13 -6.31 -11.55
CA LEU A 176 -3.02 -4.88 -11.28
C LEU A 176 -4.36 -4.16 -11.48
N PRO A 177 -5.14 -4.47 -12.53
CA PRO A 177 -6.47 -3.85 -12.62
C PRO A 177 -7.37 -4.16 -11.44
N TYR A 178 -7.35 -5.39 -10.92
CA TYR A 178 -8.16 -5.70 -9.75
C TYR A 178 -7.64 -4.99 -8.51
N ALA A 179 -6.31 -4.83 -8.40
CA ALA A 179 -5.74 -4.09 -7.29
C ALA A 179 -6.19 -2.63 -7.30
N GLY A 180 -6.20 -2.01 -8.48
CA GLY A 180 -6.65 -0.63 -8.58
C GLY A 180 -8.14 -0.49 -8.35
N LEU A 181 -8.92 -1.50 -8.73
CA LEU A 181 -10.35 -1.47 -8.49
C LEU A 181 -10.66 -1.49 -7.00
N VAL A 182 -10.00 -2.38 -6.25
CA VAL A 182 -10.21 -2.46 -4.80
C VAL A 182 -9.87 -1.13 -4.14
N ALA A 183 -8.74 -0.53 -4.52
CA ALA A 183 -8.31 0.72 -3.92
C ALA A 183 -9.25 1.86 -4.27
N ASN A 184 -9.73 1.89 -5.51
CA ASN A 184 -10.69 2.93 -5.89
C ASN A 184 -12.02 2.76 -5.17
N ALA A 185 -12.41 1.52 -4.87
CA ALA A 185 -13.70 1.27 -4.23
C ALA A 185 -13.72 1.71 -2.78
N PHE A 186 -12.57 1.90 -2.15
CA PHE A 186 -12.55 2.50 -0.82
C PHE A 186 -12.99 3.96 -0.85
N GLY A 187 -12.91 4.61 -2.02
CA GLY A 187 -13.15 6.04 -2.10
C GLY A 187 -14.62 6.38 -2.13
N PRO A 188 -14.90 7.67 -2.27
CA PRO A 188 -16.29 8.13 -2.33
C PRO A 188 -16.89 7.80 -3.67
N PRO A 189 -18.22 7.90 -3.81
CA PRO A 189 -18.85 7.63 -5.11
C PRO A 189 -18.56 8.73 -6.13
N ASN A 190 -17.32 8.82 -6.60
CA ASN A 190 -16.94 9.75 -7.65
C ASN A 190 -16.74 8.97 -8.95
N GLU A 191 -16.24 9.67 -9.98
CA GLU A 191 -16.08 9.04 -11.28
C GLU A 191 -15.04 7.93 -11.23
N LEU A 192 -13.97 8.12 -10.46
CA LEU A 192 -12.95 7.08 -10.34
C LEU A 192 -13.55 5.79 -9.79
N ARG A 193 -14.42 5.89 -8.79
CA ARG A 193 -15.02 4.70 -8.20
C ARG A 193 -16.09 4.09 -9.13
N GLN A 194 -16.94 4.94 -9.72
CA GLN A 194 -17.99 4.43 -10.60
C GLN A 194 -17.40 3.70 -11.80
N THR A 195 -16.37 4.29 -12.42
CA THR A 195 -15.78 3.68 -13.60
C THR A 195 -15.05 2.39 -13.25
N ALA A 196 -14.39 2.33 -12.10
CA ALA A 196 -13.71 1.11 -11.70
C ALA A 196 -14.68 -0.05 -11.52
N ILE A 197 -15.83 0.21 -10.90
CA ILE A 197 -16.81 -0.85 -10.70
C ILE A 197 -17.45 -1.25 -12.01
N GLU A 198 -17.63 -0.30 -12.94
CA GLU A 198 -18.18 -0.63 -14.25
C GLU A 198 -17.30 -1.62 -15.00
N ARG A 199 -15.99 -1.51 -14.86
CA ARG A 199 -15.04 -2.37 -15.55
C ARG A 199 -14.64 -3.60 -14.75
N SER A 200 -15.33 -3.89 -13.64
CA SER A 200 -14.80 -4.81 -12.64
C SER A 200 -15.00 -6.28 -12.99
N ALA A 201 -16.09 -6.63 -13.66
CA ALA A 201 -16.52 -8.02 -13.77
C ALA A 201 -15.43 -8.98 -14.25
N PRO A 202 -14.68 -8.70 -15.33
CA PRO A 202 -13.66 -9.68 -15.75
C PRO A 202 -12.53 -9.84 -14.74
N HIS A 203 -12.06 -8.76 -14.13
CA HIS A 203 -11.04 -8.88 -13.11
C HIS A 203 -11.57 -9.63 -11.89
N GLN A 204 -12.83 -9.36 -11.53
CA GLN A 204 -13.45 -10.05 -10.39
C GLN A 204 -13.56 -11.55 -10.66
N ALA A 205 -13.96 -11.93 -11.87
CA ALA A 205 -14.14 -13.34 -12.19
C ALA A 205 -12.82 -14.10 -12.13
N TYR A 206 -11.73 -13.48 -12.58
CA TYR A 206 -10.43 -14.13 -12.56
C TYR A 206 -9.95 -14.35 -11.13
N VAL A 207 -10.00 -13.30 -10.30
CA VAL A 207 -9.43 -13.37 -8.95
C VAL A 207 -10.14 -14.43 -8.12
N ASN A 208 -11.48 -14.42 -8.14
CA ASN A 208 -12.23 -15.37 -7.31
C ASN A 208 -11.95 -16.81 -7.72
N GLU A 209 -11.77 -17.06 -9.02
CA GLU A 209 -11.49 -18.42 -9.47
C GLU A 209 -10.10 -18.87 -9.05
N GLN A 210 -9.12 -17.96 -9.04
CA GLN A 210 -7.77 -18.33 -8.60
C GLN A 210 -7.70 -18.57 -7.10
N CYS A 211 -8.72 -18.18 -6.34
CA CYS A 211 -8.75 -18.40 -4.90
C CYS A 211 -9.12 -19.85 -4.54
N GLN A 212 -9.53 -20.65 -5.50
CA GLN A 212 -9.90 -22.03 -5.22
C GLN A 212 -8.65 -22.90 -5.11
N ARG A 213 -8.68 -23.84 -4.17
CA ARG A 213 -7.51 -24.65 -3.85
C ARG A 213 -6.84 -25.32 -5.07
N PRO A 214 -7.56 -25.93 -6.02
CA PRO A 214 -6.86 -26.59 -7.12
C PRO A 214 -6.07 -25.66 -8.02
N ASN A 215 -6.34 -24.36 -7.98
CA ASN A 215 -5.71 -23.40 -8.89
C ASN A 215 -4.47 -22.74 -8.30
N LEU A 216 -4.00 -23.20 -7.15
CA LEU A 216 -2.86 -22.60 -6.47
C LEU A 216 -1.74 -23.64 -6.37
N ALA A 217 -0.57 -23.29 -6.90
CA ALA A 217 0.52 -24.25 -7.02
C ALA A 217 1.01 -24.70 -5.64
N PRO A 218 1.46 -25.95 -5.52
CA PRO A 218 1.91 -26.44 -4.21
C PRO A 218 3.10 -25.64 -3.69
N GLY A 219 3.13 -25.44 -2.37
CA GLY A 219 4.20 -24.70 -1.73
C GLY A 219 4.04 -23.20 -1.74
N GLY A 220 3.16 -22.65 -2.58
CA GLY A 220 2.98 -21.21 -2.66
C GLY A 220 2.14 -20.67 -1.52
N PHE A 221 1.95 -19.34 -1.56
CA PHE A 221 1.19 -18.68 -0.51
C PHE A 221 -0.26 -19.16 -0.48
N GLY A 222 -0.88 -19.29 -1.65
CA GLY A 222 -2.28 -19.68 -1.71
C GLY A 222 -2.52 -21.10 -1.22
N ALA A 223 -1.66 -22.04 -1.65
CA ALA A 223 -1.77 -23.41 -1.20
C ALA A 223 -1.55 -23.51 0.31
N CYS A 224 -0.63 -22.69 0.84
CA CYS A 224 -0.36 -22.71 2.28
CA CYS A 224 -0.36 -22.72 2.27
C CYS A 224 -1.54 -22.21 3.08
N ILE A 225 -2.33 -21.29 2.51
CA ILE A 225 -3.53 -20.82 3.20
C ILE A 225 -4.57 -21.93 3.29
N HIS A 226 -4.80 -22.63 2.18
CA HIS A 226 -5.75 -23.74 2.18
C HIS A 226 -5.29 -24.87 3.08
N ALA A 227 -3.98 -25.03 3.27
CA ALA A 227 -3.48 -26.07 4.16
C ALA A 227 -3.68 -25.71 5.63
N PHE A 228 -3.89 -24.43 5.94
CA PHE A 228 -4.06 -23.95 7.30
C PHE A 228 -5.52 -23.99 7.76
N THR A 229 -6.35 -24.84 7.17
CA THR A 229 -7.78 -24.82 7.42
C THR A 229 -8.24 -25.89 8.40
N ASP A 230 -7.32 -26.53 9.12
CA ASP A 230 -7.69 -27.62 10.02
C ASP A 230 -7.21 -27.41 11.45
N THR A 231 -6.76 -26.21 11.80
CA THR A 231 -6.20 -25.93 13.11
C THR A 231 -7.19 -25.32 14.09
N GLY A 232 -8.41 -25.01 13.64
CA GLY A 232 -9.32 -24.24 14.46
C GLY A 232 -9.18 -22.75 14.33
N GLU A 233 -8.34 -22.27 13.42
CA GLU A 233 -8.17 -20.84 13.20
C GLU A 233 -9.05 -20.35 12.04
N ILE A 234 -9.07 -21.08 10.93
CA ILE A 234 -9.97 -20.82 9.82
C ILE A 234 -10.53 -22.16 9.34
N THR A 235 -11.65 -22.08 8.63
CA THR A 235 -12.29 -23.23 8.03
C THR A 235 -12.04 -23.26 6.53
N PRO A 236 -12.20 -24.42 5.88
CA PRO A 236 -11.95 -24.50 4.44
C PRO A 236 -12.73 -23.48 3.61
N ASP A 237 -13.96 -23.14 4.01
CA ASP A 237 -14.75 -22.17 3.25
C ASP A 237 -14.28 -20.74 3.44
N GLU A 238 -13.40 -20.49 4.42
CA GLU A 238 -12.83 -19.16 4.61
C GLU A 238 -11.54 -18.95 3.83
N ALA A 239 -10.88 -20.03 3.42
CA ALA A 239 -9.61 -19.90 2.71
C ALA A 239 -9.72 -19.15 1.38
N PRO A 240 -10.76 -19.35 0.56
CA PRO A 240 -10.83 -18.55 -0.69
C PRO A 240 -10.80 -17.04 -0.45
N LEU A 241 -11.48 -16.54 0.58
N LEU A 241 -11.48 -16.55 0.58
CA LEU A 241 -11.48 -15.12 0.84
CA LEU A 241 -11.48 -15.12 0.85
C LEU A 241 -10.14 -14.64 1.38
C LEU A 241 -10.14 -14.64 1.39
N LEU A 242 -9.42 -15.50 2.11
CA LEU A 242 -8.10 -15.12 2.60
C LEU A 242 -7.08 -15.07 1.47
N VAL A 243 -7.19 -15.99 0.50
CA VAL A 243 -6.38 -15.88 -0.71
C VAL A 243 -6.74 -14.61 -1.47
N ARG A 244 -8.03 -14.26 -1.49
CA ARG A 244 -8.46 -13.04 -2.15
C ARG A 244 -7.79 -11.80 -1.54
N SER A 245 -7.53 -11.83 -0.22
CA SER A 245 -6.86 -10.71 0.42
C SER A 245 -5.46 -10.50 -0.15
N LEU A 246 -4.71 -11.57 -0.37
CA LEU A 246 -3.38 -11.47 -0.94
C LEU A 246 -3.41 -11.16 -2.43
N LEU A 247 -4.56 -11.27 -3.08
CA LEU A 247 -4.72 -10.83 -4.46
C LEU A 247 -5.38 -9.46 -4.57
N SER A 248 -5.89 -8.92 -3.47
CA SER A 248 -6.52 -7.60 -3.48
C SER A 248 -5.60 -6.50 -2.97
N ALA A 249 -4.48 -6.85 -2.34
CA ALA A 249 -3.65 -5.87 -1.65
C ALA A 249 -2.18 -6.18 -1.86
N GLY A 250 -1.39 -5.11 -1.95
CA GLY A 250 0.05 -5.24 -1.87
C GLY A 250 0.82 -5.05 -3.15
N LEU A 251 0.30 -5.56 -4.27
CA LEU A 251 1.06 -5.53 -5.53
C LEU A 251 1.29 -4.10 -6.00
N GLN A 252 0.21 -3.32 -6.15
CA GLN A 252 0.35 -1.96 -6.65
C GLN A 252 1.10 -1.08 -5.65
N GLU A 253 0.90 -1.31 -4.35
CA GLU A 253 1.63 -0.53 -3.35
C GLU A 253 3.13 -0.77 -3.45
N THR A 254 3.53 -2.04 -3.56
CA THR A 254 4.94 -2.36 -3.71
C THR A 254 5.50 -1.75 -5.00
N VAL A 255 4.73 -1.82 -6.09
CA VAL A 255 5.14 -1.20 -7.34
C VAL A 255 5.33 0.31 -7.15
N ASN A 256 4.34 0.97 -6.54
CA ASN A 256 4.44 2.39 -6.30
C ASN A 256 5.58 2.73 -5.36
N GLY A 257 5.85 1.87 -4.38
CA GLY A 257 6.97 2.10 -3.48
C GLY A 257 8.31 2.01 -4.17
N ILE A 258 8.49 0.99 -5.02
CA ILE A 258 9.74 0.87 -5.77
C ILE A 258 9.87 2.00 -6.78
N GLY A 259 8.77 2.35 -7.45
CA GLY A 259 8.80 3.46 -8.40
C GLY A 259 9.12 4.78 -7.74
N ALA A 260 8.63 4.99 -6.51
CA ALA A 260 8.98 6.20 -5.79
C ALA A 260 10.44 6.21 -5.36
N ALA A 261 10.98 5.04 -5.02
CA ALA A 261 12.39 4.96 -4.65
C ALA A 261 13.28 5.31 -5.83
N VAL A 262 12.98 4.78 -7.02
CA VAL A 262 13.76 5.12 -8.20
C VAL A 262 13.65 6.61 -8.50
N TYR A 263 12.43 7.16 -8.41
CA TYR A 263 12.24 8.58 -8.66
C TYR A 263 13.03 9.43 -7.66
N CYS A 264 12.99 9.05 -6.38
CA CYS A 264 13.75 9.79 -5.37
C CYS A 264 15.25 9.70 -5.61
N LEU A 265 15.75 8.51 -5.93
CA LEU A 265 17.17 8.37 -6.25
C LEU A 265 17.56 9.15 -7.49
N ALA A 266 16.61 9.45 -8.38
CA ALA A 266 16.92 10.25 -9.55
C ALA A 266 16.93 11.74 -9.23
N ARG A 267 16.04 12.19 -8.35
CA ARG A 267 15.94 13.60 -8.02
C ARG A 267 16.82 14.00 -6.84
N PHE A 268 17.19 13.07 -5.99
CA PHE A 268 18.15 13.30 -4.91
C PHE A 268 19.41 12.49 -5.23
N PRO A 269 20.22 12.92 -6.21
CA PRO A 269 21.35 12.07 -6.64
C PRO A 269 22.38 11.82 -5.56
N GLY A 270 22.51 12.71 -4.58
CA GLY A 270 23.41 12.44 -3.47
C GLY A 270 22.99 11.27 -2.61
N GLU A 271 21.69 10.94 -2.62
CA GLU A 271 21.21 9.77 -1.89
C GLU A 271 21.52 8.48 -2.64
N LEU A 272 21.52 8.51 -3.97
CA LEU A 272 21.96 7.35 -4.73
C LEU A 272 23.44 7.11 -4.53
N GLN A 273 24.23 8.18 -4.43
CA GLN A 273 25.66 8.01 -4.20
CA GLN A 273 25.66 8.03 -4.20
C GLN A 273 25.93 7.44 -2.82
N ARG A 274 25.14 7.79 -1.82
CA ARG A 274 25.29 7.18 -0.51
C ARG A 274 24.87 5.71 -0.53
N LEU A 275 23.80 5.40 -1.26
CA LEU A 275 23.36 4.02 -1.37
C LEU A 275 24.39 3.16 -2.10
N ARG A 276 25.02 3.71 -3.14
CA ARG A 276 26.05 2.97 -3.87
C ARG A 276 27.24 2.66 -2.96
N SER A 277 27.61 3.62 -2.10
CA SER A 277 28.77 3.41 -1.23
C SER A 277 28.50 2.43 -0.11
N ASP A 278 27.23 2.22 0.26
CA ASP A 278 26.88 1.25 1.29
C ASP A 278 25.55 0.59 0.91
N PRO A 279 25.62 -0.51 0.15
CA PRO A 279 24.39 -1.19 -0.28
C PRO A 279 23.57 -1.78 0.85
N THR A 280 24.11 -1.89 2.07
CA THR A 280 23.32 -2.36 3.19
C THR A 280 22.26 -1.35 3.62
N LEU A 281 22.27 -0.14 3.08
CA LEU A 281 21.22 0.83 3.30
C LEU A 281 19.99 0.59 2.43
N ALA A 282 19.99 -0.48 1.63
CA ALA A 282 18.92 -0.70 0.67
C ALA A 282 17.57 -0.87 1.36
N ARG A 283 17.54 -1.62 2.47
CA ARG A 283 16.27 -1.87 3.13
C ARG A 283 15.69 -0.59 3.72
N ASN A 284 16.52 0.23 4.36
CA ASN A 284 16.01 1.49 4.90
C ASN A 284 15.75 2.51 3.80
N ALA A 285 16.45 2.40 2.67
CA ALA A 285 16.16 3.27 1.54
C ALA A 285 14.77 3.01 0.99
N PHE A 286 14.34 1.75 1.00
CA PHE A 286 12.97 1.44 0.58
C PHE A 286 11.96 1.83 1.65
N GLU A 287 12.30 1.61 2.93
CA GLU A 287 11.41 2.01 4.00
C GLU A 287 11.18 3.53 3.99
N GLU A 288 12.25 4.29 3.72
CA GLU A 288 12.09 5.74 3.62
C GLU A 288 11.25 6.11 2.41
N ALA A 289 11.36 5.36 1.32
CA ALA A 289 10.51 5.60 0.17
C ALA A 289 9.05 5.32 0.49
N VAL A 290 8.77 4.34 1.35
CA VAL A 290 7.40 4.06 1.75
C VAL A 290 6.84 5.20 2.59
N ARG A 291 7.65 5.76 3.49
CA ARG A 291 7.22 6.93 4.24
C ARG A 291 7.07 8.14 3.33
N PHE A 292 8.06 8.37 2.47
CA PHE A 292 8.07 9.55 1.61
C PHE A 292 6.88 9.55 0.66
N GLU A 293 6.56 8.40 0.08
CA GLU A 293 5.48 8.31 -0.91
C GLU A 293 4.16 7.94 -0.27
N SER A 294 4.18 7.06 0.72
CA SER A 294 2.98 6.50 1.34
C SER A 294 2.04 5.98 0.26
N PRO A 295 2.37 4.84 -0.36
CA PRO A 295 1.52 4.31 -1.45
C PRO A 295 0.06 4.22 -1.07
N VAL A 296 -0.25 3.84 0.15
CA VAL A 296 -1.62 3.93 0.67
C VAL A 296 -1.74 5.29 1.37
N GLN A 297 -2.49 6.19 0.76
CA GLN A 297 -2.59 7.56 1.29
C GLN A 297 -3.56 7.63 2.46
N THR A 298 -4.68 6.91 2.39
CA THR A 298 -5.76 7.09 3.33
C THR A 298 -6.42 5.75 3.66
N PHE A 299 -7.06 5.73 4.83
CA PHE A 299 -7.98 4.66 5.22
C PHE A 299 -9.00 5.24 6.18
N PHE A 300 -10.20 4.66 6.17
CA PHE A 300 -11.28 5.11 7.04
C PHE A 300 -11.44 4.20 8.25
N ARG A 301 -12.05 4.75 9.29
CA ARG A 301 -12.57 3.98 10.41
C ARG A 301 -13.98 4.47 10.72
N THR A 302 -14.74 3.66 11.47
CA THR A 302 -16.08 4.04 11.89
C THR A 302 -16.16 3.93 13.41
N THR A 303 -16.65 5.00 14.05
CA THR A 303 -16.77 4.99 15.51
C THR A 303 -17.90 4.08 15.95
N THR A 304 -17.64 3.28 16.98
CA THR A 304 -18.65 2.42 17.59
C THR A 304 -19.26 3.05 18.83
N ARG A 305 -18.89 4.28 19.15
CA ARG A 305 -19.14 4.89 20.45
C ARG A 305 -18.87 6.37 20.31
N GLU A 306 -19.47 7.16 21.19
CA GLU A 306 -19.07 8.57 21.33
C GLU A 306 -17.67 8.63 21.93
N VAL A 307 -16.78 9.38 21.30
CA VAL A 307 -15.38 9.41 21.68
C VAL A 307 -14.86 10.84 21.61
N GLU A 308 -13.95 11.17 22.51
CA GLU A 308 -13.23 12.43 22.47
C GLU A 308 -11.88 12.21 21.82
N LEU A 309 -11.60 12.98 20.77
CA LEU A 309 -10.34 12.89 20.03
C LEU A 309 -9.87 14.30 19.71
N GLY A 310 -8.71 14.67 20.26
CA GLY A 310 -8.14 15.99 20.02
C GLY A 310 -9.07 17.14 20.34
N GLY A 311 -9.73 17.08 21.50
CA GLY A 311 -10.67 18.11 21.90
C GLY A 311 -12.01 18.05 21.20
N ALA A 312 -12.22 17.10 20.29
CA ALA A 312 -13.46 16.96 19.56
C ALA A 312 -14.28 15.80 20.14
N VAL A 313 -15.60 15.95 20.10
CA VAL A 313 -16.52 14.91 20.54
C VAL A 313 -17.14 14.32 19.27
N ILE A 314 -16.68 13.14 18.88
CA ILE A 314 -17.18 12.45 17.69
C ILE A 314 -18.23 11.45 18.13
N GLY A 315 -19.42 11.54 17.55
CA GLY A 315 -20.52 10.67 17.91
C GLY A 315 -20.36 9.27 17.36
N GLU A 316 -21.32 8.42 17.70
CA GLU A 316 -21.33 7.04 17.24
C GLU A 316 -21.67 6.98 15.75
N GLY A 317 -21.07 6.01 15.07
CA GLY A 317 -21.39 5.76 13.68
C GLY A 317 -20.89 6.81 12.71
N GLU A 318 -19.79 7.49 13.04
CA GLU A 318 -19.21 8.51 12.19
C GLU A 318 -17.95 7.98 11.50
N LYS A 319 -17.78 8.35 10.24
CA LYS A 319 -16.59 7.94 9.51
C LYS A 319 -15.44 8.90 9.81
N VAL A 320 -14.25 8.32 10.04
CA VAL A 320 -13.05 9.09 10.34
C VAL A 320 -12.01 8.76 9.30
N LEU A 321 -11.54 9.77 8.59
CA LEU A 321 -10.57 9.61 7.51
C LEU A 321 -9.17 9.87 8.04
N MET A 322 -8.30 8.87 7.96
CA MET A 322 -6.91 8.98 8.40
C MET A 322 -6.02 9.29 7.19
N PHE A 323 -5.25 10.37 7.28
CA PHE A 323 -4.32 10.74 6.23
C PHE A 323 -2.95 10.16 6.59
N LEU A 324 -2.70 8.94 6.12
CA LEU A 324 -1.43 8.27 6.42
C LEU A 324 -0.26 9.01 5.79
N GLY A 325 -0.41 9.48 4.55
CA GLY A 325 0.67 10.18 3.90
C GLY A 325 1.00 11.50 4.57
N SER A 326 -0.03 12.21 5.04
CA SER A 326 0.19 13.45 5.77
C SER A 326 0.84 13.17 7.12
N ALA A 327 0.44 12.09 7.79
CA ALA A 327 1.05 11.75 9.07
C ALA A 327 2.52 11.43 8.92
N ASN A 328 2.92 10.87 7.78
CA ASN A 328 4.33 10.57 7.52
C ASN A 328 5.12 11.79 7.10
N ARG A 329 4.46 12.94 6.90
CA ARG A 329 5.13 14.18 6.57
C ARG A 329 4.81 15.29 7.56
N ASP A 330 4.33 14.91 8.75
CA ASP A 330 3.99 15.87 9.79
C ASP A 330 5.27 16.40 10.44
N PRO A 331 5.56 17.70 10.34
CA PRO A 331 6.77 18.23 10.97
C PRO A 331 6.73 18.19 12.49
N ARG A 332 5.56 17.96 13.10
CA ARG A 332 5.50 17.72 14.53
C ARG A 332 6.17 16.39 14.91
N ARG A 333 6.30 15.47 13.96
CA ARG A 333 6.89 14.16 14.20
C ARG A 333 8.20 13.93 13.45
N TRP A 334 8.38 14.54 12.29
CA TRP A 334 9.53 14.28 11.44
C TRP A 334 10.33 15.56 11.21
N SER A 335 11.65 15.43 11.27
CA SER A 335 12.54 16.52 10.89
C SER A 335 12.74 16.50 9.39
N ASP A 336 12.54 17.66 8.75
CA ASP A 336 12.61 17.79 7.31
C ASP A 336 11.79 16.69 6.61
N PRO A 337 10.48 16.64 6.84
CA PRO A 337 9.68 15.51 6.33
C PRO A 337 9.63 15.44 4.81
N ASP A 338 9.87 16.54 4.11
N ASP A 338 9.88 16.56 4.13
CA ASP A 338 9.79 16.55 2.66
CA ASP A 338 9.83 16.65 2.68
C ASP A 338 11.09 16.14 1.98
C ASP A 338 11.08 16.11 1.99
N LEU A 339 12.10 15.73 2.75
CA LEU A 339 13.36 15.28 2.20
C LEU A 339 13.46 13.76 2.22
N TYR A 340 13.98 13.20 1.13
CA TYR A 340 14.26 11.77 1.06
C TYR A 340 15.63 11.52 1.68
N ASP A 341 15.64 10.79 2.80
CA ASP A 341 16.86 10.56 3.58
C ASP A 341 16.95 9.07 3.88
N ILE A 342 17.87 8.38 3.20
CA ILE A 342 17.95 6.93 3.33
C ILE A 342 18.54 6.47 4.65
N THR A 343 19.10 7.38 5.45
CA THR A 343 19.57 7.04 6.79
C THR A 343 18.63 7.54 7.87
N ARG A 344 17.47 8.09 7.50
CA ARG A 344 16.50 8.53 8.49
C ARG A 344 16.03 7.36 9.33
N LYS A 345 15.82 7.61 10.62
CA LYS A 345 15.20 6.62 11.48
C LYS A 345 13.71 6.56 11.12
N THR A 346 13.35 5.56 10.31
CA THR A 346 12.00 5.46 9.76
C THR A 346 11.03 4.73 10.67
N SER A 347 11.50 4.14 11.76
N SER A 347 11.50 4.14 11.76
CA SER A 347 10.62 3.38 12.64
CA SER A 347 10.62 3.38 12.64
C SER A 347 9.54 4.29 13.23
C SER A 347 9.54 4.29 13.23
N GLY A 348 8.30 3.86 13.11
CA GLY A 348 7.17 4.62 13.58
C GLY A 348 6.30 5.21 12.50
N HIS A 349 6.75 5.19 11.24
CA HIS A 349 5.91 5.69 10.16
C HIS A 349 4.70 4.80 9.96
N VAL A 350 3.61 5.40 9.48
CA VAL A 350 2.34 4.70 9.34
C VAL A 350 2.06 4.31 7.89
N GLY A 351 3.10 4.18 7.06
CA GLY A 351 2.91 3.74 5.70
C GLY A 351 2.31 2.35 5.59
N PHE A 352 2.59 1.49 6.56
CA PHE A 352 1.99 0.17 6.66
C PHE A 352 0.86 0.10 7.67
N GLY A 353 0.39 1.25 8.15
CA GLY A 353 -0.57 1.27 9.23
C GLY A 353 0.11 1.17 10.58
N SER A 354 -0.69 0.78 11.58
CA SER A 354 -0.20 0.64 12.94
C SER A 354 -1.23 -0.14 13.75
N GLY A 355 -0.74 -1.02 14.62
CA GLY A 355 -1.63 -1.76 15.49
C GLY A 355 -2.00 -3.13 14.97
N VAL A 356 -3.22 -3.58 15.26
CA VAL A 356 -3.61 -4.95 14.95
C VAL A 356 -3.76 -5.19 13.45
N HIS A 357 -4.02 -4.15 12.66
CA HIS A 357 -4.20 -4.30 11.22
C HIS A 357 -2.94 -3.94 10.44
N MET A 358 -1.84 -3.61 11.11
CA MET A 358 -0.62 -3.23 10.41
C MET A 358 -0.24 -4.27 9.38
N CYS A 359 0.05 -3.82 8.16
CA CYS A 359 0.16 -4.65 6.96
C CYS A 359 0.75 -6.02 7.22
N VAL A 360 -0.08 -7.06 7.08
CA VAL A 360 0.40 -8.42 7.28
C VAL A 360 1.39 -8.85 6.20
N GLY A 361 1.40 -8.17 5.07
CA GLY A 361 2.32 -8.51 4.00
C GLY A 361 3.53 -7.59 3.91
N GLN A 362 3.82 -6.87 5.00
CA GLN A 362 4.90 -5.90 4.98
C GLN A 362 6.25 -6.56 4.78
N LEU A 363 6.42 -7.80 5.24
CA LEU A 363 7.69 -8.49 5.04
C LEU A 363 7.92 -8.84 3.57
N VAL A 364 6.85 -9.15 2.83
CA VAL A 364 6.98 -9.41 1.40
C VAL A 364 7.36 -8.13 0.67
N ALA A 365 6.68 -7.02 0.99
CA ALA A 365 6.94 -5.76 0.31
C ALA A 365 8.37 -5.28 0.57
N ARG A 366 8.79 -5.33 1.84
CA ARG A 366 10.14 -4.90 2.19
C ARG A 366 11.21 -5.80 1.56
N LEU A 367 10.92 -7.10 1.44
CA LEU A 367 11.87 -7.99 0.79
C LEU A 367 12.04 -7.63 -0.68
N GLU A 368 10.93 -7.43 -1.40
CA GLU A 368 11.01 -7.03 -2.80
C GLU A 368 11.69 -5.68 -2.96
N GLY A 369 11.31 -4.71 -2.13
CA GLY A 369 11.90 -3.39 -2.25
C GLY A 369 13.38 -3.38 -1.93
N GLU A 370 13.79 -4.12 -0.90
CA GLU A 370 15.20 -4.14 -0.51
C GLU A 370 16.08 -4.71 -1.61
N VAL A 371 15.70 -5.89 -2.14
CA VAL A 371 16.58 -6.56 -3.09
C VAL A 371 16.62 -5.83 -4.42
N MET A 372 15.57 -5.07 -4.76
CA MET A 372 15.64 -4.26 -5.96
C MET A 372 16.59 -3.08 -5.76
N LEU A 373 16.48 -2.39 -4.63
CA LEU A 373 17.39 -1.28 -4.34
C LEU A 373 18.81 -1.78 -4.13
N SER A 374 18.97 -3.02 -3.63
CA SER A 374 20.29 -3.60 -3.51
C SER A 374 20.92 -3.83 -4.88
N ALA A 375 20.13 -4.32 -5.84
CA ALA A 375 20.64 -4.52 -7.18
C ALA A 375 21.00 -3.19 -7.83
N LEU A 376 20.17 -2.16 -7.64
CA LEU A 376 20.50 -0.85 -8.17
C LEU A 376 21.77 -0.30 -7.53
N ALA A 377 21.92 -0.48 -6.21
CA ALA A 377 23.08 0.07 -5.51
C ALA A 377 24.38 -0.55 -6.01
N ARG A 378 24.36 -1.81 -6.42
CA ARG A 378 25.57 -2.49 -6.83
C ARG A 378 25.87 -2.35 -8.32
N LYS A 379 24.85 -2.13 -9.15
CA LYS A 379 25.01 -2.22 -10.60
C LYS A 379 24.84 -0.90 -11.34
N VAL A 380 24.26 0.12 -10.72
CA VAL A 380 23.90 1.35 -11.41
C VAL A 380 24.71 2.50 -10.83
N ALA A 381 25.26 3.34 -11.72
CA ALA A 381 26.01 4.52 -11.32
C ALA A 381 25.17 5.79 -11.31
N ALA A 382 24.21 5.92 -12.23
CA ALA A 382 23.38 7.11 -12.29
C ALA A 382 21.99 6.73 -12.78
N ILE A 383 20.99 7.50 -12.34
CA ILE A 383 19.61 7.38 -12.78
C ILE A 383 19.15 8.78 -13.16
N ASP A 384 18.91 9.00 -14.45
CA ASP A 384 18.60 10.33 -14.98
C ASP A 384 17.22 10.28 -15.65
N ILE A 385 16.31 11.15 -15.19
CA ILE A 385 15.02 11.28 -15.87
C ILE A 385 15.25 11.88 -17.24
N ASP A 386 14.70 11.23 -18.27
CA ASP A 386 14.88 11.68 -19.64
C ASP A 386 13.57 11.67 -20.42
N GLY A 387 12.45 11.87 -19.72
CA GLY A 387 11.15 11.91 -20.35
C GLY A 387 10.09 12.45 -19.43
N PRO A 388 8.89 12.68 -19.99
CA PRO A 388 7.79 13.22 -19.17
C PRO A 388 7.35 12.22 -18.11
N VAL A 389 7.24 12.68 -16.87
CA VAL A 389 6.77 11.84 -15.77
C VAL A 389 5.26 11.97 -15.65
N LYS A 390 4.57 10.84 -15.56
CA LYS A 390 3.11 10.80 -15.51
C LYS A 390 2.67 10.13 -14.21
N ARG A 391 1.63 10.68 -13.59
CA ARG A 391 1.11 10.22 -12.32
C ARG A 391 -0.20 9.47 -12.52
N ARG A 392 -0.36 8.34 -11.83
N ARG A 392 -0.36 8.34 -11.84
CA ARG A 392 -1.60 7.58 -11.84
CA ARG A 392 -1.61 7.59 -11.87
C ARG A 392 -2.51 8.06 -10.73
C ARG A 392 -2.52 8.05 -10.74
N PHE A 393 -3.78 8.28 -11.06
CA PHE A 393 -4.77 8.76 -10.09
C PHE A 393 -5.59 7.59 -9.58
N ASN A 394 -5.78 7.55 -8.26
CA ASN A 394 -6.53 6.49 -7.59
C ASN A 394 -7.08 7.07 -6.29
N ASN A 395 -8.28 6.61 -5.92
CA ASN A 395 -8.93 7.17 -4.73
C ASN A 395 -8.14 6.91 -3.46
N THR A 396 -7.33 5.85 -3.43
CA THR A 396 -6.59 5.45 -2.24
C THR A 396 -5.09 5.40 -2.45
N LEU A 397 -4.61 5.09 -3.65
CA LEU A 397 -3.19 4.87 -3.88
C LEU A 397 -2.54 6.08 -4.55
N ARG A 398 -1.31 6.36 -4.14
CA ARG A 398 -0.46 7.34 -4.80
C ARG A 398 0.69 6.59 -5.48
N GLY A 399 0.91 6.89 -6.75
CA GLY A 399 1.97 6.22 -7.48
C GLY A 399 2.10 6.80 -8.87
N LEU A 400 3.26 6.56 -9.46
CA LEU A 400 3.57 7.05 -10.80
C LEU A 400 3.06 6.09 -11.86
N GLU A 401 2.64 6.65 -13.00
N GLU A 401 2.64 6.65 -12.99
CA GLU A 401 2.22 5.85 -14.14
CA GLU A 401 2.21 5.88 -14.15
C GLU A 401 3.38 5.56 -15.09
C GLU A 401 3.36 5.56 -15.09
N SER A 402 4.22 6.55 -15.34
CA SER A 402 5.37 6.39 -16.22
C SER A 402 6.53 7.21 -15.68
N LEU A 403 7.72 6.62 -15.72
CA LEU A 403 8.94 7.28 -15.22
C LEU A 403 10.09 6.96 -16.16
N PRO A 404 10.22 7.72 -17.25
CA PRO A 404 11.32 7.48 -18.20
C PRO A 404 12.66 7.86 -17.58
N VAL A 405 13.58 6.90 -17.55
CA VAL A 405 14.90 7.13 -16.98
C VAL A 405 15.96 6.53 -17.88
N LYS A 406 17.17 7.06 -17.78
CA LYS A 406 18.36 6.48 -18.40
C LYS A 406 19.23 5.92 -17.29
N LEU A 407 19.54 4.64 -17.38
CA LEU A 407 20.39 3.96 -16.40
C LEU A 407 21.81 3.91 -16.91
N THR A 408 22.75 4.38 -16.09
CA THR A 408 24.16 4.31 -16.42
C THR A 408 24.81 3.19 -15.62
N PRO A 409 25.45 2.22 -16.25
CA PRO A 409 26.01 1.10 -15.48
C PRO A 409 27.22 1.52 -14.67
N ALA A 410 27.38 0.89 -13.51
CA ALA A 410 28.53 1.13 -12.66
C ALA A 410 29.75 0.41 -13.21
CHA HEM B . -2.93 -3.91 5.46
CHB HEM B . -0.19 -0.67 3.11
CHC HEM B . 2.16 -4.33 0.98
CHD HEM B . -1.57 -7.21 2.15
C1A HEM B . -2.33 -2.72 5.11
C2A HEM B . -2.49 -1.44 5.76
C3A HEM B . -1.72 -0.55 5.11
C4A HEM B . -1.06 -1.24 4.03
CMA HEM B . -1.58 0.95 5.46
CAA HEM B . -3.36 -1.12 7.00
CBA HEM B . -4.83 -1.35 6.70
CGA HEM B . -5.66 -0.77 7.81
O1A HEM B . -6.92 -0.75 7.67
O2A HEM B . -5.09 -0.31 8.83
C1B HEM B . 0.75 -1.37 2.38
C2B HEM B . 1.90 -0.82 1.69
C3B HEM B . 2.55 -1.84 1.08
C4B HEM B . 1.82 -3.06 1.39
CMB HEM B . 2.24 0.69 1.67
CAB HEM B . 3.84 -1.84 0.23
CBB HEM B . 4.66 -0.79 0.07
C1C HEM B . 1.37 -5.46 1.12
C2C HEM B . 1.67 -6.80 0.64
C3C HEM B . 0.63 -7.59 0.96
C4C HEM B . -0.35 -6.78 1.65
CMC HEM B . 2.97 -7.15 -0.11
CAC HEM B . 0.42 -9.11 0.70
CBC HEM B . 1.33 -9.93 0.18
C1D HEM B . -2.26 -6.61 3.19
C2D HEM B . -3.35 -7.16 3.96
C3D HEM B . -3.73 -6.25 4.86
C4D HEM B . -2.88 -5.08 4.71
CMD HEM B . -3.98 -8.55 3.76
CAD HEM B . -4.85 -6.40 5.91
CBD HEM B . -4.19 -6.68 7.26
CGD HEM B . -5.17 -6.53 8.39
O1D HEM B . -4.89 -7.03 9.51
O2D HEM B . -6.26 -5.92 8.17
NA HEM B . -1.46 -2.56 4.06
NB HEM B . 0.74 -2.73 2.18
NC HEM B . 0.13 -5.49 1.73
ND HEM B . -1.99 -5.34 3.68
FE HEM B . -0.57 -4.06 2.98
C8 ANN C . -4.96 -1.86 0.25
O3 ANN C . -5.04 -2.46 1.52
C5 ANN C . -5.80 -3.63 1.58
C6 ANN C . -6.75 -3.90 0.59
C7 ANN C . -7.50 -5.07 0.65
C2 ANN C . -7.30 -5.96 1.70
C3 ANN C . -6.36 -5.69 2.67
C4 ANN C . -5.62 -4.52 2.61
C1 ANN C . -8.13 -7.23 1.77
O1 ANN C . -8.86 -7.58 0.81
O2 ANN C . -8.07 -7.95 2.81
CL CL D . -14.18 -9.08 -5.55
#